data_3MFV
#
_entry.id   3MFV
#
_cell.length_a   90.660
_cell.length_b   90.660
_cell.length_c   69.707
_cell.angle_alpha   90.00
_cell.angle_beta   90.00
_cell.angle_gamma   120.00
#
_symmetry.space_group_name_H-M   'P 3'
#
loop_
_entity.id
_entity.type
_entity.pdbx_description
1 polymer Arginase-1
2 non-polymer 'MANGANESE (II) ION'
3 non-polymer '(2S)-2-amino-4-(2-amino-1H-imidazol-5-yl)butanoic acid'
4 water water
#
_entity_poly.entity_id   1
_entity_poly.type   'polypeptide(L)'
_entity_poly.pdbx_seq_one_letter_code
;MSAKSRTIGIIGAPFSKGQPRGGVEEGPTVLRKAGLLEKLKEQECDVKDYGDLPFADIPNDSPFQIVKNPRSVGKASEQL
AGKVAEVKKNGRISLVLGGDHSLAIGSISGHARVHPDLGVIWVDAHTDINTPLTTTSGNLHGQPVSFLLKELKGKIPDVP
GFSWVTPCISAKDIVYIGLRDVDPGEHYILKTLGIKYFSMTEVDRLGIGKVMEETLSYLLGRKKRPIHLSFDVDGLDPSF
TPATGTPVVGGLTYREGLYITEEIYKTGLLSGLDIMEVNPSLGKTPEEVTRTVNTAVAITLACFGLAREGNHKPIDYLNP
PK
;
_entity_poly.pdbx_strand_id   A,B
#
loop_
_chem_comp.id
_chem_comp.type
_chem_comp.name
_chem_comp.formula
MN non-polymer 'MANGANESE (II) ION' 'Mn 2'
#
# COMPACT_ATOMS: atom_id res chain seq x y z
N ARG A 6 35.33 -6.77 14.86
CA ARG A 6 35.26 -6.21 13.49
C ARG A 6 34.91 -4.71 13.61
N THR A 7 35.35 -3.90 12.64
CA THR A 7 35.11 -2.46 12.66
C THR A 7 33.90 -2.06 11.80
N ILE A 8 32.91 -1.45 12.46
CA ILE A 8 31.63 -1.09 11.83
C ILE A 8 31.27 0.39 11.66
N GLY A 9 30.48 0.66 10.63
CA GLY A 9 30.01 2.01 10.33
C GLY A 9 28.50 1.95 10.13
N ILE A 10 27.76 2.26 11.19
CA ILE A 10 26.29 2.24 11.18
C ILE A 10 25.65 3.41 10.43
N ILE A 11 24.69 3.08 9.57
CA ILE A 11 23.98 4.08 8.77
C ILE A 11 22.49 3.77 8.76
N GLY A 12 21.70 4.64 9.39
CA GLY A 12 20.27 4.43 9.42
C GLY A 12 19.66 4.95 8.13
N ALA A 13 18.83 4.13 7.48
CA ALA A 13 18.19 4.54 6.24
C ALA A 13 16.67 4.40 6.33
N PRO A 14 16.00 5.29 7.08
CA PRO A 14 14.55 5.23 7.24
C PRO A 14 13.80 5.63 5.96
N PHE A 15 13.78 4.73 4.98
CA PHE A 15 13.11 4.97 3.71
C PHE A 15 12.06 3.88 3.43
N SER A 16 10.95 4.26 2.80
CA SER A 16 9.85 3.34 2.50
C SER A 16 9.22 3.45 1.11
N LYS A 17 9.53 4.52 0.38
CA LYS A 17 8.93 4.76 -0.93
C LYS A 17 9.26 3.75 -2.03
N GLY A 18 9.93 2.66 -1.66
CA GLY A 18 10.25 1.63 -2.63
C GLY A 18 9.12 0.61 -2.72
N GLN A 19 8.16 0.74 -1.80
CA GLN A 19 6.99 -0.13 -1.75
C GLN A 19 5.83 0.62 -1.07
N PRO A 20 4.60 0.09 -1.17
CA PRO A 20 3.39 0.70 -0.60
C PRO A 20 3.25 0.92 0.91
N ARG A 21 3.69 -0.04 1.71
CA ARG A 21 3.58 0.04 3.16
C ARG A 21 4.61 0.97 3.81
N GLY A 22 4.13 1.88 4.68
CA GLY A 22 5.01 2.85 5.30
C GLY A 22 5.85 2.56 6.55
N GLY A 23 5.40 1.64 7.39
CA GLY A 23 6.13 1.34 8.62
C GLY A 23 7.61 0.97 8.56
N VAL A 24 8.12 0.62 7.39
CA VAL A 24 9.52 0.22 7.24
C VAL A 24 10.54 1.32 7.57
N GLU A 25 10.11 2.57 7.51
CA GLU A 25 10.99 3.70 7.82
C GLU A 25 11.44 3.66 9.26
N GLU A 26 10.68 2.95 10.10
CA GLU A 26 10.98 2.83 11.52
C GLU A 26 12.02 1.75 11.82
N GLY A 27 12.45 1.05 10.78
CA GLY A 27 13.43 0.00 10.97
C GLY A 27 14.63 0.45 11.80
N PRO A 28 15.32 1.53 11.39
CA PRO A 28 16.48 2.00 12.14
C PRO A 28 16.15 2.23 13.61
N THR A 29 14.99 2.84 13.86
CA THR A 29 14.54 3.14 15.21
C THR A 29 14.40 1.95 16.15
N VAL A 30 13.65 0.94 15.73
CA VAL A 30 13.44 -0.22 16.59
C VAL A 30 14.69 -1.10 16.74
N LEU A 31 15.54 -1.13 15.73
CA LEU A 31 16.76 -1.93 15.79
C LEU A 31 17.74 -1.29 16.76
N ARG A 32 17.81 0.04 16.74
CA ARG A 32 18.70 0.77 17.65
C ARG A 32 18.13 0.66 19.06
N LYS A 33 16.80 0.64 19.13
CA LYS A 33 16.08 0.55 20.39
C LYS A 33 16.25 -0.82 21.03
N ALA A 34 16.55 -1.83 20.21
CA ALA A 34 16.76 -3.18 20.73
C ALA A 34 18.14 -3.22 21.37
N GLY A 35 18.88 -2.13 21.22
CA GLY A 35 20.22 -2.04 21.77
C GLY A 35 21.29 -2.62 20.86
N LEU A 36 21.07 -2.52 19.55
CA LEU A 36 22.02 -3.06 18.57
C LEU A 36 23.43 -2.50 18.68
N LEU A 37 23.54 -1.18 18.82
CA LEU A 37 24.85 -0.53 18.92
C LEU A 37 25.65 -1.08 20.08
N GLU A 38 25.03 -1.10 21.25
CA GLU A 38 25.65 -1.58 22.47
C GLU A 38 26.02 -3.06 22.41
N LYS A 39 25.10 -3.90 21.94
CA LYS A 39 25.36 -5.33 21.84
C LYS A 39 26.54 -5.62 20.94
N LEU A 40 26.71 -4.81 19.89
CA LEU A 40 27.84 -4.98 18.99
C LEU A 40 29.10 -4.64 19.75
N LYS A 41 29.03 -3.56 20.54
CA LYS A 41 30.16 -3.13 21.34
C LYS A 41 30.47 -4.17 22.43
N GLU A 42 29.41 -4.81 22.94
CA GLU A 42 29.58 -5.85 23.96
C GLU A 42 30.49 -6.94 23.41
N GLN A 43 30.64 -6.93 22.09
CA GLN A 43 31.49 -7.89 21.40
C GLN A 43 32.81 -7.23 21.05
N GLU A 44 33.62 -7.92 20.24
CA GLU A 44 34.91 -7.40 19.82
C GLU A 44 34.74 -6.30 18.76
N CYS A 45 33.64 -5.54 18.85
CA CYS A 45 33.36 -4.52 17.84
C CYS A 45 33.64 -3.05 18.11
N ASP A 46 34.18 -2.40 17.07
CA ASP A 46 34.50 -0.97 17.10
C ASP A 46 33.43 -0.28 16.25
N VAL A 47 32.44 0.28 16.93
CA VAL A 47 31.30 0.92 16.28
C VAL A 47 31.27 2.45 16.21
N LYS A 48 30.90 2.97 15.04
CA LYS A 48 30.76 4.41 14.82
C LYS A 48 29.43 4.65 14.13
N ASP A 49 28.56 5.38 14.80
CA ASP A 49 27.23 5.67 14.29
C ASP A 49 27.22 6.91 13.40
N TYR A 50 26.92 6.72 12.11
CA TYR A 50 26.88 7.83 11.18
C TYR A 50 25.51 8.50 11.14
N GLY A 51 24.59 7.99 11.97
CA GLY A 51 23.25 8.56 12.04
C GLY A 51 22.23 8.07 11.03
N ASP A 52 21.01 8.56 11.18
CA ASP A 52 19.91 8.21 10.27
C ASP A 52 19.91 9.23 9.15
N LEU A 53 20.02 8.77 7.91
CA LEU A 53 20.02 9.66 6.77
C LEU A 53 18.72 10.45 6.74
N PRO A 54 18.83 11.79 6.61
CA PRO A 54 17.63 12.63 6.56
C PRO A 54 17.12 12.64 5.12
N PHE A 55 16.10 11.84 4.85
CA PHE A 55 15.54 11.76 3.51
C PHE A 55 14.48 12.82 3.25
N ALA A 56 14.92 13.98 2.80
CA ALA A 56 14.03 15.09 2.51
C ALA A 56 12.89 14.69 1.57
N ASP A 57 11.76 15.35 1.77
CA ASP A 57 10.55 15.13 1.01
C ASP A 57 10.67 15.59 -0.44
N ILE A 58 10.00 14.87 -1.33
CA ILE A 58 9.97 15.17 -2.76
C ILE A 58 8.50 15.07 -3.13
N PRO A 59 7.70 16.10 -2.78
CA PRO A 59 6.27 16.19 -3.03
C PRO A 59 5.83 15.91 -4.47
N ASN A 60 6.63 16.40 -5.42
CA ASN A 60 6.33 16.19 -6.83
C ASN A 60 7.10 15.00 -7.34
N ASP A 61 6.40 13.88 -7.47
CA ASP A 61 7.04 12.65 -7.91
C ASP A 61 5.98 11.68 -8.44
N SER A 62 5.44 12.01 -9.62
CA SER A 62 4.44 11.16 -10.25
C SER A 62 5.10 9.93 -10.83
N PRO A 63 4.34 8.84 -11.00
CA PRO A 63 4.92 7.61 -11.54
C PRO A 63 5.62 7.80 -12.88
N PHE A 64 6.61 6.96 -13.12
CA PHE A 64 7.32 6.94 -14.39
C PHE A 64 6.67 5.71 -14.99
N GLN A 65 5.76 5.94 -15.93
CA GLN A 65 5.04 4.84 -16.54
C GLN A 65 4.30 4.14 -15.38
N ILE A 66 4.80 2.98 -14.97
CA ILE A 66 4.17 2.22 -13.89
C ILE A 66 4.99 2.31 -12.60
N VAL A 67 6.24 2.75 -12.72
CA VAL A 67 7.17 2.87 -11.60
C VAL A 67 6.80 3.98 -10.61
N LYS A 68 6.62 3.60 -9.35
CA LYS A 68 6.21 4.53 -8.30
C LYS A 68 7.32 5.22 -7.50
N ASN A 69 7.09 6.50 -7.19
CA ASN A 69 8.01 7.34 -6.42
C ASN A 69 9.46 7.22 -6.87
N PRO A 70 9.70 7.22 -8.20
CA PRO A 70 11.07 7.10 -8.70
C PRO A 70 12.08 8.17 -8.23
N ARG A 71 11.65 9.43 -8.13
CA ARG A 71 12.56 10.50 -7.71
C ARG A 71 12.96 10.35 -6.25
N SER A 72 12.00 9.95 -5.42
CA SER A 72 12.22 9.76 -3.99
C SER A 72 13.15 8.57 -3.76
N VAL A 73 12.85 7.47 -4.43
CA VAL A 73 13.67 6.27 -4.30
C VAL A 73 15.04 6.54 -4.89
N GLY A 74 15.07 7.24 -6.02
CA GLY A 74 16.33 7.55 -6.68
C GLY A 74 17.25 8.43 -5.85
N LYS A 75 16.67 9.42 -5.17
CA LYS A 75 17.46 10.34 -4.34
C LYS A 75 17.96 9.67 -3.06
N ALA A 76 17.10 8.87 -2.43
CA ALA A 76 17.47 8.17 -1.21
C ALA A 76 18.66 7.24 -1.42
N SER A 77 18.72 6.59 -2.58
CA SER A 77 19.83 5.69 -2.89
C SER A 77 21.08 6.49 -3.24
N GLU A 78 20.90 7.63 -3.87
CA GLU A 78 22.02 8.49 -4.23
C GLU A 78 22.64 9.02 -2.94
N GLN A 79 21.79 9.43 -1.99
CA GLN A 79 22.25 9.95 -0.71
C GLN A 79 22.98 8.85 0.04
N LEU A 80 22.36 7.68 0.10
CA LEU A 80 22.95 6.53 0.79
C LEU A 80 24.27 6.07 0.16
N ALA A 81 24.34 6.09 -1.17
CA ALA A 81 25.55 5.65 -1.85
C ALA A 81 26.77 6.47 -1.39
N GLY A 82 26.57 7.77 -1.22
CA GLY A 82 27.66 8.62 -0.79
C GLY A 82 28.09 8.34 0.65
N LYS A 83 27.12 8.04 1.52
CA LYS A 83 27.39 7.76 2.92
C LYS A 83 28.20 6.47 3.11
N VAL A 84 27.79 5.43 2.38
CA VAL A 84 28.46 4.14 2.42
C VAL A 84 29.90 4.26 1.91
N ALA A 85 30.09 5.02 0.82
CA ALA A 85 31.42 5.23 0.27
C ALA A 85 32.29 5.98 1.28
N GLU A 86 31.65 6.88 2.03
CA GLU A 86 32.36 7.64 3.05
C GLU A 86 32.80 6.76 4.20
N VAL A 87 31.95 5.81 4.60
CA VAL A 87 32.31 4.91 5.69
C VAL A 87 33.34 3.87 5.21
N LYS A 88 33.27 3.49 3.94
CA LYS A 88 34.23 2.53 3.39
C LYS A 88 35.60 3.17 3.29
N LYS A 89 35.63 4.50 3.17
CA LYS A 89 36.90 5.21 3.09
C LYS A 89 37.48 5.43 4.49
N ASN A 90 36.65 5.25 5.51
CA ASN A 90 37.11 5.39 6.89
C ASN A 90 37.53 4.02 7.41
N GLY A 91 37.59 3.06 6.49
CA GLY A 91 37.99 1.71 6.85
C GLY A 91 37.03 1.00 7.77
N ARG A 92 35.74 1.03 7.44
CA ARG A 92 34.72 0.40 8.25
C ARG A 92 33.67 -0.33 7.42
N ILE A 93 33.14 -1.40 8.00
CA ILE A 93 32.10 -2.19 7.36
C ILE A 93 30.78 -1.41 7.47
N SER A 94 30.22 -1.04 6.32
CA SER A 94 28.96 -0.30 6.29
C SER A 94 27.80 -1.21 6.70
N LEU A 95 27.04 -0.79 7.72
CA LEU A 95 25.90 -1.54 8.21
C LEU A 95 24.68 -0.66 7.99
N VAL A 96 23.99 -0.90 6.87
CA VAL A 96 22.81 -0.10 6.56
C VAL A 96 21.51 -0.71 7.08
N LEU A 97 20.88 0.00 8.01
CA LEU A 97 19.63 -0.42 8.60
C LEU A 97 18.47 0.21 7.81
N GLY A 98 17.71 -0.59 7.08
CA GLY A 98 16.60 -0.06 6.31
C GLY A 98 15.30 -0.07 7.11
N GLY A 99 14.18 0.31 6.51
CA GLY A 99 14.15 0.75 5.13
C GLY A 99 13.81 -0.37 4.17
N ASP A 100 13.14 -0.06 3.05
CA ASP A 100 12.82 -1.08 2.07
C ASP A 100 14.10 -1.43 1.29
N HIS A 101 14.04 -2.51 0.53
CA HIS A 101 15.21 -2.99 -0.21
C HIS A 101 15.65 -2.19 -1.44
N SER A 102 14.93 -1.14 -1.80
CA SER A 102 15.33 -0.33 -2.96
C SER A 102 16.66 0.36 -2.64
N LEU A 103 16.87 0.64 -1.36
CA LEU A 103 18.08 1.29 -0.89
C LEU A 103 19.34 0.50 -1.24
N ALA A 104 19.17 -0.76 -1.61
CA ALA A 104 20.30 -1.61 -1.96
C ALA A 104 21.03 -0.98 -3.15
N ILE A 105 20.27 -0.31 -4.02
CA ILE A 105 20.84 0.34 -5.19
C ILE A 105 21.94 1.32 -4.79
N GLY A 106 21.69 2.13 -3.78
CA GLY A 106 22.69 3.08 -3.34
C GLY A 106 23.78 2.45 -2.48
N SER A 107 23.41 1.47 -1.66
CA SER A 107 24.37 0.81 -0.80
C SER A 107 25.43 0.06 -1.59
N ILE A 108 25.01 -0.80 -2.51
CA ILE A 108 25.97 -1.54 -3.33
C ILE A 108 26.74 -0.60 -4.26
N SER A 109 26.12 0.51 -4.63
CA SER A 109 26.76 1.50 -5.50
C SER A 109 27.89 2.22 -4.76
N GLY A 110 27.57 2.76 -3.59
CA GLY A 110 28.56 3.47 -2.80
C GLY A 110 29.71 2.57 -2.37
N HIS A 111 29.38 1.29 -2.17
CA HIS A 111 30.37 0.29 -1.76
C HIS A 111 31.37 0.03 -2.89
N ALA A 112 30.84 -0.19 -4.10
CA ALA A 112 31.65 -0.45 -5.27
C ALA A 112 32.55 0.72 -5.68
N ARG A 113 32.17 1.94 -5.29
CA ARG A 113 32.98 3.11 -5.61
C ARG A 113 34.33 2.94 -4.93
N VAL A 114 34.31 2.44 -3.70
CA VAL A 114 35.53 2.22 -2.94
C VAL A 114 36.10 0.82 -3.21
N HIS A 115 35.22 -0.17 -3.42
CA HIS A 115 35.64 -1.54 -3.65
C HIS A 115 34.95 -2.15 -4.86
N PRO A 116 35.37 -1.79 -6.08
CA PRO A 116 34.80 -2.28 -7.32
C PRO A 116 34.82 -3.80 -7.54
N ASP A 117 35.69 -4.51 -6.81
CA ASP A 117 35.82 -5.96 -6.95
C ASP A 117 34.93 -6.75 -5.99
N LEU A 118 33.97 -6.07 -5.37
CA LEU A 118 33.07 -6.71 -4.41
C LEU A 118 32.23 -7.87 -4.98
N GLY A 119 31.75 -8.71 -4.07
CA GLY A 119 30.92 -9.84 -4.45
C GLY A 119 29.68 -9.71 -3.60
N VAL A 120 28.52 -9.97 -4.18
CA VAL A 120 27.28 -9.83 -3.43
C VAL A 120 26.56 -11.12 -3.10
N ILE A 121 26.08 -11.22 -1.87
CA ILE A 121 25.29 -12.36 -1.41
C ILE A 121 23.95 -11.72 -1.06
N TRP A 122 22.90 -12.16 -1.75
CA TRP A 122 21.56 -11.61 -1.58
C TRP A 122 20.61 -12.64 -0.96
N VAL A 123 20.35 -12.46 0.34
CA VAL A 123 19.44 -13.35 1.09
C VAL A 123 18.08 -12.70 1.02
N ASP A 124 17.16 -13.35 0.32
CA ASP A 124 15.83 -12.79 0.12
C ASP A 124 14.89 -13.86 -0.42
N ALA A 125 13.60 -13.72 -0.18
CA ALA A 125 12.62 -14.66 -0.70
C ALA A 125 12.39 -14.31 -2.17
N HIS A 126 12.84 -13.12 -2.56
CA HIS A 126 12.68 -12.62 -3.93
C HIS A 126 14.03 -12.26 -4.56
N THR A 127 14.06 -12.19 -5.89
CA THR A 127 15.29 -11.84 -6.60
C THR A 127 15.46 -10.33 -6.73
N ASP A 128 14.36 -9.59 -6.66
CA ASP A 128 14.38 -8.13 -6.77
C ASP A 128 15.18 -7.69 -7.99
N ILE A 129 14.92 -8.35 -9.10
CA ILE A 129 15.66 -8.05 -10.31
C ILE A 129 14.73 -7.63 -11.47
N ASN A 130 13.53 -7.16 -11.14
CA ASN A 130 12.61 -6.70 -12.18
C ASN A 130 13.14 -5.39 -12.75
N THR A 131 12.88 -5.12 -14.01
CA THR A 131 13.32 -3.87 -14.61
C THR A 131 12.09 -2.97 -14.58
N PRO A 132 12.23 -1.71 -14.99
CA PRO A 132 11.06 -0.83 -14.98
C PRO A 132 10.03 -1.34 -15.97
N LEU A 133 10.51 -2.15 -16.92
CA LEU A 133 9.66 -2.69 -17.97
C LEU A 133 9.10 -4.09 -17.72
N THR A 134 9.72 -4.82 -16.79
CA THR A 134 9.25 -6.16 -16.48
C THR A 134 8.39 -6.17 -15.22
N THR A 135 8.62 -5.22 -14.32
CA THR A 135 7.85 -5.15 -13.09
C THR A 135 6.37 -5.00 -13.41
N THR A 136 5.51 -5.65 -12.61
CA THR A 136 4.07 -5.50 -12.83
C THR A 136 3.48 -4.69 -11.66
N SER A 137 4.24 -4.59 -10.58
CA SER A 137 3.78 -3.85 -9.40
C SER A 137 4.25 -2.38 -9.39
N GLY A 138 5.40 -2.10 -9.97
CA GLY A 138 5.92 -0.74 -9.99
C GLY A 138 6.68 -0.35 -8.73
N ASN A 139 6.77 -1.28 -7.78
CA ASN A 139 7.47 -1.04 -6.52
C ASN A 139 8.96 -1.26 -6.74
N LEU A 140 9.73 -0.19 -6.59
CA LEU A 140 11.18 -0.25 -6.80
C LEU A 140 11.96 -1.17 -5.85
N HIS A 141 11.37 -1.55 -4.72
CA HIS A 141 12.10 -2.43 -3.80
C HIS A 141 12.20 -3.83 -4.42
N GLY A 142 11.57 -4.00 -5.59
CA GLY A 142 11.61 -5.27 -6.29
C GLY A 142 12.34 -5.14 -7.62
N GLN A 143 13.14 -4.09 -7.74
CA GLN A 143 13.92 -3.81 -8.95
C GLN A 143 15.39 -3.43 -8.67
N PRO A 144 15.78 -3.25 -7.39
CA PRO A 144 17.17 -2.88 -7.12
C PRO A 144 18.29 -3.56 -7.90
N VAL A 145 18.19 -4.87 -8.10
CA VAL A 145 19.25 -5.59 -8.82
C VAL A 145 19.37 -5.28 -10.31
N SER A 146 18.25 -4.95 -10.95
CA SER A 146 18.30 -4.64 -12.39
C SER A 146 19.10 -3.38 -12.69
N PHE A 147 19.16 -2.47 -11.71
CA PHE A 147 19.90 -1.21 -11.89
C PHE A 147 21.41 -1.37 -11.69
N LEU A 148 21.81 -2.43 -10.98
CA LEU A 148 23.22 -2.69 -10.67
C LEU A 148 23.95 -3.61 -11.65
N LEU A 149 23.22 -4.47 -12.33
CA LEU A 149 23.84 -5.40 -13.28
C LEU A 149 24.25 -4.71 -14.57
N LYS A 150 25.50 -4.91 -14.95
CA LYS A 150 26.04 -4.33 -16.17
C LYS A 150 25.38 -4.95 -17.40
N GLU A 151 25.13 -6.26 -17.34
CA GLU A 151 24.50 -6.98 -18.46
C GLU A 151 23.13 -6.46 -18.81
N LEU A 152 22.47 -5.82 -17.84
CA LEU A 152 21.13 -5.27 -18.04
C LEU A 152 21.13 -3.80 -18.45
N LYS A 153 22.32 -3.26 -18.69
CA LYS A 153 22.45 -1.87 -19.11
C LYS A 153 21.93 -1.83 -20.54
N GLY A 154 20.91 -1.00 -20.78
CA GLY A 154 20.33 -0.91 -22.10
C GLY A 154 18.89 -1.39 -22.07
N LYS A 155 18.53 -2.07 -20.98
CA LYS A 155 17.18 -2.58 -20.79
C LYS A 155 16.54 -1.78 -19.66
N ILE A 156 17.31 -0.87 -19.09
CA ILE A 156 16.85 -0.01 -18.01
C ILE A 156 16.64 1.40 -18.56
N PRO A 157 15.37 1.78 -18.80
CA PRO A 157 15.05 3.12 -19.32
C PRO A 157 15.48 4.22 -18.35
N ASP A 158 15.58 5.44 -18.85
CA ASP A 158 15.98 6.55 -18.01
C ASP A 158 14.82 6.96 -17.11
N VAL A 159 14.85 6.46 -15.88
CA VAL A 159 13.83 6.76 -14.87
C VAL A 159 14.24 7.98 -14.05
N PRO A 160 13.34 8.95 -13.90
CA PRO A 160 13.67 10.14 -13.12
C PRO A 160 14.17 9.80 -11.71
N GLY A 161 15.38 10.27 -11.39
CA GLY A 161 15.97 10.03 -10.09
C GLY A 161 17.17 9.10 -10.11
N PHE A 162 17.37 8.41 -11.22
CA PHE A 162 18.48 7.46 -11.30
C PHE A 162 19.53 7.74 -12.38
N SER A 163 19.63 8.99 -12.82
CA SER A 163 20.61 9.35 -13.84
C SER A 163 22.05 9.21 -13.30
N TRP A 164 22.17 9.16 -11.97
CA TRP A 164 23.46 9.05 -11.32
C TRP A 164 23.99 7.61 -11.27
N VAL A 165 23.12 6.65 -11.56
CA VAL A 165 23.50 5.24 -11.48
C VAL A 165 24.40 4.72 -12.59
N THR A 166 25.37 3.91 -12.18
CA THR A 166 26.30 3.28 -13.11
C THR A 166 26.37 1.81 -12.70
N PRO A 167 25.87 0.89 -13.54
CA PRO A 167 25.90 -0.54 -13.21
C PRO A 167 27.29 -0.87 -12.68
N CYS A 168 27.38 -1.56 -11.56
CA CYS A 168 28.68 -1.87 -10.98
C CYS A 168 28.97 -3.34 -10.70
N ILE A 169 28.06 -4.24 -11.05
CA ILE A 169 28.29 -5.66 -10.81
C ILE A 169 27.84 -6.54 -11.97
N SER A 170 28.63 -7.56 -12.27
CA SER A 170 28.31 -8.49 -13.33
C SER A 170 27.38 -9.53 -12.74
N ALA A 171 26.68 -10.25 -13.62
CA ALA A 171 25.76 -11.29 -13.19
C ALA A 171 26.49 -12.39 -12.41
N LYS A 172 27.77 -12.58 -12.71
CA LYS A 172 28.57 -13.61 -12.06
C LYS A 172 29.17 -13.21 -10.71
N ASP A 173 28.91 -11.97 -10.28
CA ASP A 173 29.44 -11.49 -9.01
C ASP A 173 28.39 -11.46 -7.92
N ILE A 174 27.27 -12.14 -8.16
CA ILE A 174 26.19 -12.20 -7.19
C ILE A 174 25.61 -13.61 -7.01
N VAL A 175 25.26 -13.92 -5.76
CA VAL A 175 24.67 -15.20 -5.43
C VAL A 175 23.39 -14.96 -4.62
N TYR A 176 22.31 -15.61 -5.05
CA TYR A 176 21.02 -15.49 -4.36
C TYR A 176 20.86 -16.69 -3.43
N ILE A 177 20.27 -16.46 -2.27
CA ILE A 177 20.01 -17.55 -1.32
C ILE A 177 18.65 -17.31 -0.66
N GLY A 178 17.76 -18.31 -0.75
CA GLY A 178 16.45 -18.21 -0.11
C GLY A 178 15.24 -18.00 -1.00
N LEU A 179 15.46 -17.95 -2.31
CA LEU A 179 14.37 -17.70 -3.27
C LEU A 179 13.16 -18.64 -3.20
N ARG A 180 11.97 -18.06 -3.28
CA ARG A 180 10.71 -18.82 -3.27
C ARG A 180 9.51 -18.05 -3.84
N ASP A 181 9.75 -16.85 -4.37
CA ASP A 181 8.70 -16.02 -4.98
C ASP A 181 9.35 -15.15 -6.06
N VAL A 182 9.62 -15.77 -7.20
CA VAL A 182 10.28 -15.09 -8.33
C VAL A 182 9.33 -14.96 -9.52
N ASP A 183 9.23 -13.73 -10.05
CA ASP A 183 8.37 -13.47 -11.20
C ASP A 183 8.90 -14.17 -12.45
N PRO A 184 8.05 -14.34 -13.48
CA PRO A 184 8.45 -15.00 -14.73
C PRO A 184 9.58 -14.31 -15.46
N GLY A 185 9.47 -12.99 -15.61
CA GLY A 185 10.52 -12.23 -16.27
C GLY A 185 11.81 -12.30 -15.47
N GLU A 186 11.70 -12.30 -14.15
CA GLU A 186 12.90 -12.39 -13.31
C GLU A 186 13.58 -13.73 -13.50
N HIS A 187 12.79 -14.80 -13.60
CA HIS A 187 13.34 -16.13 -13.79
C HIS A 187 14.05 -16.23 -15.14
N TYR A 188 13.50 -15.54 -16.13
CA TYR A 188 14.07 -15.51 -17.47
C TYR A 188 15.47 -14.87 -17.42
N ILE A 189 15.59 -13.78 -16.67
CA ILE A 189 16.85 -13.07 -16.50
C ILE A 189 17.88 -13.96 -15.78
N LEU A 190 17.41 -14.71 -14.79
CA LEU A 190 18.31 -15.59 -14.03
C LEU A 190 18.97 -16.58 -14.97
N LYS A 191 18.14 -17.31 -15.71
CA LYS A 191 18.58 -18.33 -16.66
C LYS A 191 19.33 -17.71 -17.84
N THR A 192 18.95 -16.51 -18.24
CA THR A 192 19.59 -15.85 -19.37
C THR A 192 21.00 -15.28 -19.09
N LEU A 193 21.19 -14.68 -17.92
CA LEU A 193 22.50 -14.13 -17.59
C LEU A 193 23.38 -15.12 -16.83
N GLY A 194 22.85 -16.31 -16.58
CA GLY A 194 23.59 -17.34 -15.87
C GLY A 194 23.89 -17.00 -14.41
N ILE A 195 22.94 -16.34 -13.74
CA ILE A 195 23.11 -15.95 -12.36
C ILE A 195 23.05 -17.15 -11.41
N LYS A 196 23.99 -17.19 -10.47
CA LYS A 196 24.08 -18.27 -9.49
C LYS A 196 23.09 -18.07 -8.37
N TYR A 197 22.25 -19.07 -8.12
CA TYR A 197 21.25 -18.96 -7.07
C TYR A 197 20.97 -20.28 -6.37
N PHE A 198 20.52 -20.17 -5.13
CA PHE A 198 20.16 -21.33 -4.32
C PHE A 198 18.77 -20.98 -3.79
N SER A 199 17.74 -21.47 -4.46
CA SER A 199 16.39 -21.20 -3.99
C SER A 199 16.13 -22.17 -2.84
N MET A 200 14.95 -22.11 -2.26
CA MET A 200 14.64 -23.00 -1.14
C MET A 200 14.74 -24.46 -1.57
N THR A 201 14.51 -24.74 -2.85
CA THR A 201 14.61 -26.10 -3.38
C THR A 201 16.05 -26.61 -3.22
N GLU A 202 17.03 -25.79 -3.60
CA GLU A 202 18.44 -26.17 -3.47
C GLU A 202 18.86 -26.30 -2.00
N VAL A 203 18.35 -25.41 -1.15
CA VAL A 203 18.68 -25.47 0.27
C VAL A 203 18.13 -26.78 0.83
N ASP A 204 16.94 -27.16 0.38
CA ASP A 204 16.32 -28.40 0.87
C ASP A 204 17.09 -29.62 0.38
N ARG A 205 17.59 -29.55 -0.86
CA ARG A 205 18.35 -30.63 -1.47
C ARG A 205 19.76 -30.82 -0.91
N LEU A 206 20.52 -29.72 -0.86
CA LEU A 206 21.92 -29.76 -0.41
C LEU A 206 22.21 -29.53 1.08
N GLY A 207 21.37 -28.75 1.73
CA GLY A 207 21.60 -28.43 3.12
C GLY A 207 22.26 -27.06 3.11
N ILE A 208 22.03 -26.26 4.15
CA ILE A 208 22.59 -24.92 4.24
C ILE A 208 24.13 -24.92 4.28
N GLY A 209 24.71 -26.00 4.79
CA GLY A 209 26.16 -26.09 4.84
C GLY A 209 26.79 -26.14 3.46
N LYS A 210 26.31 -27.04 2.61
CA LYS A 210 26.83 -27.18 1.26
C LYS A 210 26.52 -25.91 0.47
N VAL A 211 25.31 -25.37 0.69
CA VAL A 211 24.87 -24.14 0.03
C VAL A 211 25.88 -23.01 0.30
N MET A 212 26.26 -22.84 1.56
CA MET A 212 27.22 -21.80 1.91
C MET A 212 28.59 -22.15 1.38
N GLU A 213 28.91 -23.43 1.36
CA GLU A 213 30.21 -23.87 0.86
C GLU A 213 30.35 -23.45 -0.60
N GLU A 214 29.34 -23.79 -1.41
CA GLU A 214 29.36 -23.44 -2.82
C GLU A 214 29.27 -21.95 -3.06
N THR A 215 28.46 -21.26 -2.26
CA THR A 215 28.31 -19.82 -2.38
C THR A 215 29.65 -19.09 -2.27
N LEU A 216 30.37 -19.32 -1.17
CA LEU A 216 31.64 -18.66 -0.92
C LEU A 216 32.72 -19.08 -1.91
N SER A 217 32.67 -20.35 -2.34
CA SER A 217 33.64 -20.84 -3.30
C SER A 217 33.36 -20.25 -4.66
N TYR A 218 32.08 -20.04 -4.95
CA TYR A 218 31.66 -19.45 -6.20
C TYR A 218 32.15 -18.02 -6.30
N LEU A 219 32.04 -17.28 -5.20
CA LEU A 219 32.45 -15.88 -5.18
C LEU A 219 33.92 -15.62 -4.83
N LEU A 220 34.55 -16.52 -4.10
CA LEU A 220 35.96 -16.35 -3.71
C LEU A 220 36.91 -17.37 -4.34
N GLY A 221 36.37 -18.21 -5.22
CA GLY A 221 37.20 -19.22 -5.86
C GLY A 221 38.43 -18.64 -6.51
N ARG A 222 38.21 -17.82 -7.53
CA ARG A 222 39.29 -17.16 -8.26
C ARG A 222 40.21 -16.37 -7.32
N LYS A 223 39.65 -15.39 -6.62
CA LYS A 223 40.43 -14.56 -5.71
C LYS A 223 39.61 -14.02 -4.54
N LYS A 224 40.29 -13.69 -3.46
CA LYS A 224 39.62 -13.12 -2.30
C LYS A 224 39.21 -11.68 -2.66
N ARG A 225 38.00 -11.29 -2.26
CA ARG A 225 37.46 -9.98 -2.56
C ARG A 225 36.44 -9.55 -1.51
N PRO A 226 36.17 -8.24 -1.41
CA PRO A 226 35.20 -7.74 -0.43
C PRO A 226 33.80 -8.32 -0.66
N ILE A 227 33.11 -8.66 0.43
CA ILE A 227 31.77 -9.22 0.35
C ILE A 227 30.68 -8.26 0.82
N HIS A 228 29.64 -8.13 0.00
CA HIS A 228 28.49 -7.28 0.33
C HIS A 228 27.31 -8.21 0.61
N LEU A 229 26.77 -8.13 1.82
CA LEU A 229 25.64 -8.96 2.20
C LEU A 229 24.36 -8.14 2.29
N SER A 230 23.47 -8.34 1.33
CA SER A 230 22.20 -7.63 1.33
C SER A 230 21.20 -8.64 1.87
N PHE A 231 20.80 -8.43 3.12
CA PHE A 231 19.89 -9.34 3.78
C PHE A 231 18.47 -8.78 3.92
N ASP A 232 17.53 -9.42 3.23
CA ASP A 232 16.13 -9.03 3.32
C ASP A 232 15.57 -9.98 4.36
N VAL A 233 15.00 -9.41 5.43
CA VAL A 233 14.48 -10.25 6.51
C VAL A 233 13.33 -11.18 6.13
N ASP A 234 12.69 -10.95 4.98
CA ASP A 234 11.61 -11.85 4.56
C ASP A 234 12.20 -13.09 3.87
N GLY A 235 13.52 -13.15 3.82
CA GLY A 235 14.19 -14.29 3.25
C GLY A 235 14.02 -15.43 4.25
N LEU A 236 13.92 -15.06 5.52
CA LEU A 236 13.73 -16.05 6.59
C LEU A 236 12.24 -16.35 6.64
N ASP A 237 11.87 -17.46 7.26
CA ASP A 237 10.45 -17.82 7.33
C ASP A 237 9.70 -16.81 8.18
N PRO A 238 8.45 -16.48 7.77
CA PRO A 238 7.65 -15.51 8.54
C PRO A 238 7.34 -15.90 10.00
N SER A 239 7.69 -17.12 10.38
CA SER A 239 7.46 -17.56 11.75
C SER A 239 8.55 -16.94 12.62
N PHE A 240 9.59 -16.43 11.95
CA PHE A 240 10.71 -15.79 12.62
C PHE A 240 10.70 -14.28 12.42
N THR A 241 10.38 -13.84 11.21
CA THR A 241 10.32 -12.41 10.89
C THR A 241 8.98 -12.06 10.22
N PRO A 242 7.90 -12.05 11.00
CA PRO A 242 6.56 -11.74 10.49
C PRO A 242 6.27 -10.28 10.12
N ALA A 243 6.86 -9.35 10.86
CA ALA A 243 6.64 -7.93 10.61
C ALA A 243 7.48 -7.47 9.43
N THR A 244 7.02 -7.83 8.24
CA THR A 244 7.70 -7.49 6.99
C THR A 244 6.61 -7.40 5.93
N GLY A 245 6.79 -6.51 4.96
CA GLY A 245 5.78 -6.29 3.93
C GLY A 245 5.35 -7.42 3.01
N THR A 246 6.29 -8.29 2.65
CA THR A 246 5.98 -9.37 1.73
C THR A 246 6.48 -10.74 2.22
N PRO A 247 5.85 -11.28 3.28
CA PRO A 247 6.24 -12.58 3.82
C PRO A 247 5.84 -13.75 2.92
N VAL A 248 6.68 -14.77 2.85
CA VAL A 248 6.42 -15.96 2.05
C VAL A 248 6.75 -17.18 2.90
N VAL A 249 5.77 -18.08 3.08
CA VAL A 249 5.95 -19.28 3.89
C VAL A 249 7.02 -20.19 3.28
N GLY A 250 7.58 -21.07 4.10
CA GLY A 250 8.61 -21.99 3.62
C GLY A 250 9.94 -21.30 3.46
N GLY A 251 10.25 -20.41 4.38
CA GLY A 251 11.49 -19.67 4.32
C GLY A 251 12.62 -20.29 5.11
N LEU A 252 13.77 -19.62 5.06
CA LEU A 252 14.95 -20.08 5.79
C LEU A 252 14.65 -20.04 7.27
N THR A 253 15.18 -21.03 8.00
CA THR A 253 14.94 -21.07 9.44
C THR A 253 15.86 -20.08 10.16
N TYR A 254 15.57 -19.87 11.43
CA TYR A 254 16.36 -19.00 12.29
C TYR A 254 17.80 -19.52 12.29
N ARG A 255 17.93 -20.84 12.45
CA ARG A 255 19.22 -21.51 12.47
C ARG A 255 19.99 -21.34 11.17
N GLU A 256 19.31 -21.52 10.03
CA GLU A 256 19.96 -21.36 8.73
C GLU A 256 20.39 -19.91 8.56
N GLY A 257 19.55 -18.98 9.03
CA GLY A 257 19.89 -17.58 8.94
C GLY A 257 21.16 -17.27 9.72
N LEU A 258 21.32 -17.91 10.87
CA LEU A 258 22.50 -17.68 11.69
C LEU A 258 23.69 -18.41 11.11
N TYR A 259 23.43 -19.52 10.42
CA TYR A 259 24.51 -20.27 9.83
C TYR A 259 25.13 -19.48 8.69
N ILE A 260 24.27 -18.92 7.85
CA ILE A 260 24.69 -18.12 6.70
C ILE A 260 25.65 -17.01 7.12
N THR A 261 25.21 -16.20 8.07
CA THR A 261 25.97 -15.07 8.58
C THR A 261 27.23 -15.45 9.37
N GLU A 262 27.18 -16.55 10.11
CA GLU A 262 28.32 -17.00 10.89
C GLU A 262 29.42 -17.38 9.91
N GLU A 263 29.04 -18.01 8.81
CA GLU A 263 30.01 -18.40 7.79
C GLU A 263 30.61 -17.21 7.06
N ILE A 264 29.78 -16.22 6.75
CA ILE A 264 30.24 -15.03 6.07
C ILE A 264 31.23 -14.34 7.00
N TYR A 265 30.88 -14.24 8.27
CA TYR A 265 31.78 -13.60 9.23
C TYR A 265 33.14 -14.28 9.21
N LYS A 266 33.14 -15.60 9.32
CA LYS A 266 34.37 -16.39 9.34
C LYS A 266 35.29 -16.20 8.13
N THR A 267 34.76 -15.69 7.02
CA THR A 267 35.62 -15.47 5.86
C THR A 267 36.51 -14.26 6.13
N GLY A 268 36.05 -13.39 7.04
CA GLY A 268 36.80 -12.19 7.36
C GLY A 268 36.76 -11.20 6.21
N LEU A 269 35.90 -11.46 5.24
CA LEU A 269 35.78 -10.58 4.08
C LEU A 269 34.50 -9.76 4.04
N LEU A 270 33.67 -9.82 5.09
CA LEU A 270 32.46 -9.00 5.07
C LEU A 270 32.90 -7.54 4.96
N SER A 271 32.32 -6.83 4.01
CA SER A 271 32.67 -5.44 3.77
C SER A 271 31.43 -4.54 3.83
N GLY A 272 30.31 -5.05 3.33
CA GLY A 272 29.07 -4.29 3.35
C GLY A 272 27.92 -5.16 3.80
N LEU A 273 27.02 -4.60 4.58
CA LEU A 273 25.87 -5.35 5.09
C LEU A 273 24.59 -4.52 5.08
N ASP A 274 23.51 -5.14 4.62
CA ASP A 274 22.21 -4.48 4.58
C ASP A 274 21.24 -5.35 5.39
N ILE A 275 20.46 -4.73 6.26
CA ILE A 275 19.45 -5.44 7.06
C ILE A 275 18.19 -4.69 6.67
N MET A 276 17.41 -5.28 5.76
CA MET A 276 16.23 -4.62 5.21
C MET A 276 14.88 -5.25 5.44
N GLU A 277 13.87 -4.44 5.11
CA GLU A 277 12.45 -4.81 5.16
C GLU A 277 11.78 -5.06 6.51
N VAL A 278 12.44 -4.71 7.61
CA VAL A 278 11.83 -4.88 8.93
C VAL A 278 10.75 -3.80 9.05
N ASN A 279 9.48 -4.21 9.16
CA ASN A 279 8.37 -3.25 9.29
C ASN A 279 7.55 -3.54 10.54
N PRO A 280 7.84 -2.83 11.65
CA PRO A 280 7.13 -3.00 12.92
C PRO A 280 5.60 -2.90 12.87
N SER A 281 5.09 -1.93 12.12
CA SER A 281 3.65 -1.70 12.01
C SER A 281 2.89 -2.88 11.39
N LEU A 282 3.60 -3.83 10.79
CA LEU A 282 2.93 -4.98 10.18
C LEU A 282 2.89 -6.20 11.09
N GLY A 283 3.36 -6.02 12.33
CA GLY A 283 3.31 -7.11 13.28
C GLY A 283 1.90 -7.16 13.83
N LYS A 284 1.25 -8.32 13.69
CA LYS A 284 -0.12 -8.48 14.16
C LYS A 284 -0.26 -8.36 15.67
N THR A 285 0.88 -8.42 16.35
CA THR A 285 0.91 -8.33 17.81
C THR A 285 2.21 -7.66 18.24
N PRO A 286 2.35 -7.31 19.53
CA PRO A 286 3.58 -6.68 19.96
C PRO A 286 4.72 -7.69 19.95
N GLU A 287 4.37 -8.96 20.12
CA GLU A 287 5.35 -10.05 20.14
C GLU A 287 5.89 -10.36 18.75
N GLU A 288 5.05 -10.24 17.73
CA GLU A 288 5.50 -10.49 16.37
C GLU A 288 6.51 -9.41 16.01
N VAL A 289 6.30 -8.21 16.56
CA VAL A 289 7.20 -7.09 16.31
C VAL A 289 8.54 -7.31 17.00
N THR A 290 8.51 -7.79 18.24
CA THR A 290 9.75 -8.04 18.96
C THR A 290 10.46 -9.28 18.41
N ARG A 291 9.68 -10.25 17.93
CA ARG A 291 10.26 -11.47 17.39
C ARG A 291 11.06 -11.12 16.14
N THR A 292 10.51 -10.25 15.30
CA THR A 292 11.16 -9.83 14.07
C THR A 292 12.44 -9.06 14.35
N VAL A 293 12.35 -8.09 15.25
CA VAL A 293 13.49 -7.26 15.63
C VAL A 293 14.58 -8.11 16.29
N ASN A 294 14.18 -9.00 17.19
CA ASN A 294 15.16 -9.85 17.88
C ASN A 294 15.92 -10.72 16.89
N THR A 295 15.21 -11.24 15.89
CA THR A 295 15.82 -12.08 14.87
C THR A 295 16.73 -11.27 13.97
N ALA A 296 16.33 -10.03 13.67
CA ALA A 296 17.14 -9.16 12.82
C ALA A 296 18.43 -8.77 13.53
N VAL A 297 18.36 -8.56 14.84
CA VAL A 297 19.55 -8.22 15.63
C VAL A 297 20.51 -9.40 15.69
N ALA A 298 19.96 -10.60 15.94
CA ALA A 298 20.77 -11.81 16.03
C ALA A 298 21.56 -12.06 14.75
N ILE A 299 20.90 -11.90 13.60
CA ILE A 299 21.59 -12.10 12.33
C ILE A 299 22.70 -11.06 12.21
N THR A 300 22.43 -9.85 12.71
CA THR A 300 23.42 -8.78 12.63
C THR A 300 24.63 -9.07 13.51
N LEU A 301 24.38 -9.48 14.75
CA LEU A 301 25.48 -9.81 15.64
C LEU A 301 26.34 -10.95 15.10
N ALA A 302 25.70 -11.93 14.47
CA ALA A 302 26.41 -13.07 13.89
C ALA A 302 27.36 -12.62 12.77
N CYS A 303 26.97 -11.57 12.05
CA CYS A 303 27.78 -11.03 10.97
C CYS A 303 29.08 -10.44 11.50
N PHE A 304 29.08 -10.07 12.77
CA PHE A 304 30.25 -9.46 13.37
C PHE A 304 30.92 -10.24 14.50
N GLY A 305 30.80 -11.56 14.48
CA GLY A 305 31.49 -12.34 15.49
C GLY A 305 30.75 -13.28 16.41
N LEU A 306 29.53 -12.95 16.81
CA LEU A 306 28.80 -13.83 17.71
C LEU A 306 28.64 -15.22 17.13
N ALA A 307 29.23 -16.20 17.82
CA ALA A 307 29.18 -17.60 17.41
C ALA A 307 28.32 -18.38 18.39
N ARG A 308 27.51 -19.31 17.90
CA ARG A 308 26.65 -20.10 18.79
C ARG A 308 27.43 -21.07 19.69
N GLU A 309 28.67 -21.39 19.30
CA GLU A 309 29.49 -22.30 20.09
C GLU A 309 30.14 -21.53 21.23
N GLY A 310 30.10 -20.20 21.15
CA GLY A 310 30.70 -19.37 22.17
C GLY A 310 31.82 -18.52 21.62
N ASN A 311 32.26 -17.56 22.43
CA ASN A 311 33.35 -16.64 22.10
C ASN A 311 34.11 -16.37 23.41
N HIS A 312 35.42 -16.15 23.31
CA HIS A 312 36.21 -15.84 24.50
C HIS A 312 37.39 -14.96 24.10
N LYS A 313 37.85 -14.13 25.02
CA LYS A 313 38.97 -13.24 24.75
C LYS A 313 40.30 -14.00 24.84
N PRO A 314 41.32 -13.53 24.11
CA PRO A 314 42.62 -14.21 24.16
C PRO A 314 43.31 -13.99 25.50
N ILE A 315 42.82 -14.69 26.52
CA ILE A 315 43.36 -14.61 27.86
C ILE A 315 43.14 -15.95 28.54
N ASP A 316 43.81 -16.16 29.67
CA ASP A 316 43.68 -17.40 30.42
C ASP A 316 42.53 -17.23 31.41
N TYR A 317 41.39 -17.83 31.08
CA TYR A 317 40.19 -17.75 31.91
C TYR A 317 40.23 -18.58 33.20
N LEU A 318 41.21 -19.46 33.32
CA LEU A 318 41.34 -20.31 34.52
C LEU A 318 42.31 -19.77 35.57
N ARG B 6 -25.92 1.10 -21.55
CA ARG B 6 -25.50 1.28 -20.13
C ARG B 6 -26.68 1.34 -19.17
N THR B 7 -27.14 0.16 -18.76
CA THR B 7 -28.28 0.02 -17.86
C THR B 7 -27.98 0.38 -16.41
N ILE B 8 -28.99 0.91 -15.72
CA ILE B 8 -28.86 1.33 -14.34
C ILE B 8 -29.86 0.61 -13.43
N GLY B 9 -29.48 0.46 -12.16
CA GLY B 9 -30.36 -0.18 -11.19
C GLY B 9 -30.42 0.69 -9.95
N ILE B 10 -31.47 1.51 -9.86
CA ILE B 10 -31.65 2.40 -8.72
C ILE B 10 -32.16 1.67 -7.47
N ILE B 11 -31.54 1.97 -6.34
CA ILE B 11 -31.89 1.38 -5.06
C ILE B 11 -31.96 2.50 -4.05
N GLY B 12 -33.12 2.63 -3.40
CA GLY B 12 -33.27 3.66 -2.39
C GLY B 12 -32.83 3.13 -1.05
N ALA B 13 -32.06 3.93 -0.32
CA ALA B 13 -31.56 3.50 0.98
C ALA B 13 -31.77 4.57 2.05
N PRO B 14 -33.03 4.83 2.42
CA PRO B 14 -33.34 5.84 3.44
C PRO B 14 -32.93 5.42 4.87
N PHE B 15 -31.62 5.45 5.14
CA PHE B 15 -31.05 5.05 6.44
C PHE B 15 -30.20 6.17 7.05
N SER B 16 -30.25 6.32 8.38
CA SER B 16 -29.50 7.39 9.07
C SER B 16 -28.79 6.98 10.36
N LYS B 17 -29.07 5.79 10.88
CA LYS B 17 -28.48 5.34 12.13
C LYS B 17 -26.94 5.26 12.17
N GLY B 18 -26.28 5.56 11.06
CA GLY B 18 -24.84 5.53 11.03
C GLY B 18 -24.26 6.85 11.53
N GLN B 19 -25.15 7.77 11.88
CA GLN B 19 -24.76 9.07 12.39
C GLN B 19 -25.97 9.74 13.07
N PRO B 20 -25.71 10.74 13.94
CA PRO B 20 -26.72 11.50 14.71
C PRO B 20 -27.88 12.23 14.02
N ARG B 21 -27.62 12.90 12.91
CA ARG B 21 -28.67 13.65 12.22
C ARG B 21 -29.61 12.80 11.35
N GLY B 22 -30.90 12.86 11.65
CA GLY B 22 -31.88 12.08 10.92
C GLY B 22 -32.29 12.48 9.52
N GLY B 23 -31.91 13.67 9.07
CA GLY B 23 -32.29 14.09 7.74
C GLY B 23 -31.82 13.29 6.52
N VAL B 24 -30.69 12.60 6.61
CA VAL B 24 -30.17 11.84 5.46
C VAL B 24 -31.14 10.80 4.90
N GLU B 25 -32.12 10.41 5.72
CA GLU B 25 -33.13 9.43 5.31
C GLU B 25 -33.92 9.98 4.12
N GLU B 26 -34.01 11.31 4.04
CA GLU B 26 -34.74 11.97 2.96
C GLU B 26 -33.87 12.22 1.75
N GLY B 27 -32.79 11.46 1.62
CA GLY B 27 -31.90 11.60 0.49
C GLY B 27 -32.49 10.95 -0.74
N PRO B 28 -33.01 9.72 -0.63
CA PRO B 28 -33.60 9.00 -1.77
C PRO B 28 -34.83 9.71 -2.35
N THR B 29 -35.59 10.36 -1.46
CA THR B 29 -36.81 11.05 -1.85
C THR B 29 -36.53 12.34 -2.60
N VAL B 30 -35.78 13.23 -1.97
CA VAL B 30 -35.44 14.50 -2.56
C VAL B 30 -34.73 14.33 -3.89
N LEU B 31 -33.94 13.25 -3.98
CA LEU B 31 -33.21 12.94 -5.20
C LEU B 31 -34.16 12.55 -6.33
N ARG B 32 -35.15 11.72 -6.01
CA ARG B 32 -36.13 11.29 -7.00
C ARG B 32 -37.00 12.45 -7.48
N LYS B 33 -37.39 13.32 -6.55
CA LYS B 33 -38.22 14.46 -6.91
C LYS B 33 -37.47 15.56 -7.63
N ALA B 34 -36.16 15.38 -7.81
CA ALA B 34 -35.34 16.36 -8.51
C ALA B 34 -35.36 16.02 -10.01
N GLY B 35 -35.88 14.83 -10.32
CA GLY B 35 -35.96 14.41 -11.71
C GLY B 35 -34.85 13.47 -12.12
N LEU B 36 -34.12 12.96 -11.14
CA LEU B 36 -33.01 12.05 -11.41
C LEU B 36 -33.39 10.92 -12.36
N LEU B 37 -34.52 10.27 -12.09
CA LEU B 37 -34.95 9.16 -12.94
C LEU B 37 -35.22 9.55 -14.39
N GLU B 38 -36.11 10.52 -14.60
CA GLU B 38 -36.41 10.96 -15.96
C GLU B 38 -35.16 11.48 -16.64
N LYS B 39 -34.39 12.29 -15.90
CA LYS B 39 -33.16 12.87 -16.44
C LYS B 39 -32.21 11.82 -16.99
N LEU B 40 -32.18 10.65 -16.34
CA LEU B 40 -31.32 9.54 -16.79
C LEU B 40 -31.93 8.90 -18.05
N LYS B 41 -33.26 8.90 -18.13
CA LYS B 41 -33.93 8.34 -19.31
C LYS B 41 -33.73 9.30 -20.48
N GLU B 42 -33.97 10.59 -20.22
CA GLU B 42 -33.81 11.61 -21.24
C GLU B 42 -32.36 11.57 -21.68
N GLN B 43 -31.53 10.97 -20.84
CA GLN B 43 -30.10 10.84 -21.09
C GLN B 43 -29.85 9.90 -22.26
N GLU B 44 -29.75 8.61 -21.94
CA GLU B 44 -29.48 7.57 -22.92
C GLU B 44 -29.56 6.25 -22.17
N CYS B 45 -30.06 6.33 -20.94
CA CYS B 45 -30.13 5.17 -20.05
C CYS B 45 -31.42 4.37 -19.98
N ASP B 46 -31.26 3.09 -19.67
CA ASP B 46 -32.37 2.16 -19.50
C ASP B 46 -32.51 1.99 -17.98
N VAL B 47 -33.27 2.89 -17.37
CA VAL B 47 -33.48 2.87 -15.93
C VAL B 47 -34.54 1.88 -15.47
N LYS B 48 -34.24 1.19 -14.37
CA LYS B 48 -35.16 0.23 -13.76
C LYS B 48 -35.00 0.34 -12.25
N ASP B 49 -35.91 1.11 -11.64
CA ASP B 49 -35.89 1.36 -10.21
C ASP B 49 -36.36 0.21 -9.32
N TYR B 50 -35.50 -0.20 -8.40
CA TYR B 50 -35.81 -1.29 -7.48
C TYR B 50 -36.46 -0.80 -6.20
N GLY B 51 -36.99 0.43 -6.24
CA GLY B 51 -37.65 1.02 -5.08
C GLY B 51 -36.72 1.31 -3.92
N ASP B 52 -37.29 1.89 -2.85
CA ASP B 52 -36.54 2.20 -1.64
C ASP B 52 -36.60 1.02 -0.67
N LEU B 53 -35.46 0.65 -0.11
CA LEU B 53 -35.39 -0.46 0.84
C LEU B 53 -36.08 -0.17 2.16
N PRO B 54 -36.93 -1.09 2.61
CA PRO B 54 -37.65 -0.91 3.87
C PRO B 54 -36.81 -1.42 5.04
N PHE B 55 -36.21 -0.50 5.79
CA PHE B 55 -35.39 -0.85 6.94
C PHE B 55 -36.23 -0.91 8.20
N ALA B 56 -36.41 -2.11 8.73
CA ALA B 56 -37.20 -2.31 9.93
C ALA B 56 -36.51 -1.69 11.14
N ASP B 57 -37.31 -1.16 12.06
CA ASP B 57 -36.76 -0.54 13.26
C ASP B 57 -36.39 -1.61 14.27
N ILE B 58 -35.16 -1.54 14.78
CA ILE B 58 -34.69 -2.49 15.78
C ILE B 58 -34.70 -1.82 17.15
N PRO B 59 -35.82 -1.99 17.89
CA PRO B 59 -35.98 -1.40 19.22
C PRO B 59 -34.74 -1.61 20.09
N ASN B 60 -34.51 -2.87 20.47
CA ASN B 60 -33.38 -3.23 21.32
C ASN B 60 -32.05 -3.22 20.58
N ASP B 61 -31.55 -2.02 20.22
CA ASP B 61 -30.28 -1.91 19.52
C ASP B 61 -29.23 -1.23 20.38
N SER B 62 -28.94 -1.86 21.53
CA SER B 62 -27.96 -1.34 22.48
C SER B 62 -26.60 -1.15 21.80
N PRO B 63 -25.77 -0.23 22.33
CA PRO B 63 -24.45 0.02 21.73
C PRO B 63 -23.44 -1.11 21.95
N PHE B 64 -22.38 -1.08 21.14
CA PHE B 64 -21.29 -2.02 21.24
C PHE B 64 -20.14 -1.08 21.59
N GLN B 65 -19.70 -1.08 22.84
CA GLN B 65 -18.65 -0.16 23.26
C GLN B 65 -19.23 1.23 23.00
N ILE B 66 -18.52 2.06 22.25
CA ILE B 66 -19.03 3.41 21.96
C ILE B 66 -19.80 3.41 20.63
N VAL B 67 -19.73 2.31 19.89
CA VAL B 67 -20.41 2.20 18.60
C VAL B 67 -21.94 2.19 18.77
N LYS B 68 -22.60 3.18 18.18
CA LYS B 68 -24.05 3.32 18.25
C LYS B 68 -24.81 2.69 17.09
N ASN B 69 -25.97 2.11 17.40
CA ASN B 69 -26.84 1.47 16.41
C ASN B 69 -26.15 0.35 15.63
N PRO B 70 -25.38 -0.51 16.31
CA PRO B 70 -24.71 -1.59 15.57
C PRO B 70 -25.64 -2.50 14.77
N ARG B 71 -26.65 -3.04 15.44
CA ARG B 71 -27.59 -3.94 14.77
C ARG B 71 -28.41 -3.26 13.67
N SER B 72 -28.65 -1.96 13.81
CA SER B 72 -29.42 -1.24 12.80
C SER B 72 -28.55 -0.96 11.57
N VAL B 73 -27.33 -0.50 11.81
CA VAL B 73 -26.40 -0.22 10.73
C VAL B 73 -25.98 -1.53 10.08
N GLY B 74 -25.76 -2.55 10.90
CA GLY B 74 -25.39 -3.84 10.38
C GLY B 74 -26.48 -4.42 9.52
N LYS B 75 -27.71 -4.38 10.01
CA LYS B 75 -28.86 -4.92 9.29
C LYS B 75 -29.19 -4.18 7.99
N ALA B 76 -29.07 -2.85 8.02
CA ALA B 76 -29.37 -2.05 6.84
C ALA B 76 -28.39 -2.34 5.69
N SER B 77 -27.14 -2.62 6.04
CA SER B 77 -26.12 -2.93 5.03
C SER B 77 -26.27 -4.34 4.51
N GLU B 78 -26.80 -5.23 5.35
CA GLU B 78 -27.02 -6.61 4.95
C GLU B 78 -28.12 -6.66 3.90
N GLN B 79 -29.19 -5.91 4.13
CA GLN B 79 -30.30 -5.85 3.17
C GLN B 79 -29.78 -5.29 1.85
N LEU B 80 -29.15 -4.12 1.94
CA LEU B 80 -28.61 -3.44 0.77
C LEU B 80 -27.65 -4.28 -0.08
N ALA B 81 -26.79 -5.07 0.56
CA ALA B 81 -25.83 -5.91 -0.16
C ALA B 81 -26.58 -6.94 -0.98
N GLY B 82 -27.77 -7.29 -0.52
CA GLY B 82 -28.58 -8.26 -1.23
C GLY B 82 -29.21 -7.63 -2.45
N LYS B 83 -29.70 -6.41 -2.30
CA LYS B 83 -30.35 -5.67 -3.40
C LYS B 83 -29.33 -5.23 -4.45
N VAL B 84 -28.06 -5.15 -4.05
CA VAL B 84 -27.00 -4.76 -4.97
C VAL B 84 -26.58 -5.99 -5.78
N ALA B 85 -26.37 -7.10 -5.09
CA ALA B 85 -25.96 -8.33 -5.76
C ALA B 85 -27.02 -8.70 -6.78
N GLU B 86 -28.27 -8.36 -6.47
CA GLU B 86 -29.42 -8.65 -7.33
C GLU B 86 -29.39 -7.83 -8.61
N VAL B 87 -29.19 -6.52 -8.47
CA VAL B 87 -29.16 -5.64 -9.62
C VAL B 87 -27.94 -5.96 -10.49
N LYS B 88 -26.86 -6.40 -9.85
CA LYS B 88 -25.65 -6.75 -10.60
C LYS B 88 -25.94 -7.97 -11.47
N LYS B 89 -26.70 -8.91 -10.93
CA LYS B 89 -27.06 -10.11 -11.68
C LYS B 89 -28.04 -9.82 -12.82
N ASN B 90 -28.79 -8.72 -12.70
CA ASN B 90 -29.74 -8.34 -13.76
C ASN B 90 -29.02 -7.59 -14.88
N GLY B 91 -27.69 -7.54 -14.81
CA GLY B 91 -26.91 -6.86 -15.83
C GLY B 91 -27.02 -5.34 -15.81
N ARG B 92 -27.09 -4.77 -14.61
CA ARG B 92 -27.22 -3.32 -14.46
C ARG B 92 -26.14 -2.76 -13.53
N ILE B 93 -26.00 -1.44 -13.56
CA ILE B 93 -25.06 -0.75 -12.70
C ILE B 93 -25.88 -0.36 -11.47
N SER B 94 -25.44 -0.77 -10.28
CA SER B 94 -26.17 -0.42 -9.05
C SER B 94 -25.99 1.04 -8.69
N LEU B 95 -27.10 1.72 -8.43
CA LEU B 95 -27.08 3.13 -8.08
C LEU B 95 -27.78 3.32 -6.74
N VAL B 96 -26.99 3.37 -5.67
CA VAL B 96 -27.53 3.53 -4.32
C VAL B 96 -27.68 4.99 -3.88
N LEU B 97 -28.91 5.37 -3.51
CA LEU B 97 -29.19 6.72 -3.05
C LEU B 97 -29.31 6.69 -1.52
N GLY B 98 -28.24 7.10 -0.83
CA GLY B 98 -28.26 7.12 0.62
C GLY B 98 -28.93 8.39 1.10
N GLY B 99 -29.03 8.58 2.41
CA GLY B 99 -28.51 7.63 3.38
C GLY B 99 -27.09 7.99 3.78
N ASP B 100 -26.70 7.58 5.00
CA ASP B 100 -25.36 7.85 5.51
C ASP B 100 -24.40 6.83 4.89
N HIS B 101 -23.11 7.20 4.81
CA HIS B 101 -22.10 6.34 4.20
C HIS B 101 -21.83 4.98 4.85
N SER B 102 -22.46 4.68 5.99
CA SER B 102 -22.24 3.40 6.64
C SER B 102 -22.76 2.33 5.69
N LEU B 103 -23.79 2.70 4.91
CA LEU B 103 -24.40 1.80 3.94
C LEU B 103 -23.42 1.28 2.90
N ALA B 104 -22.24 1.90 2.82
CA ALA B 104 -21.21 1.48 1.85
C ALA B 104 -20.73 0.06 2.13
N ILE B 105 -20.87 -0.39 3.37
CA ILE B 105 -20.47 -1.75 3.73
C ILE B 105 -21.33 -2.71 2.88
N GLY B 106 -22.65 -2.45 2.86
CA GLY B 106 -23.54 -3.30 2.11
C GLY B 106 -23.43 -3.14 0.59
N SER B 107 -23.40 -1.88 0.16
CA SER B 107 -23.30 -1.53 -1.25
C SER B 107 -22.09 -2.18 -1.92
N ILE B 108 -20.92 -2.05 -1.29
CA ILE B 108 -19.70 -2.62 -1.82
C ILE B 108 -19.63 -4.13 -1.62
N SER B 109 -20.20 -4.63 -0.53
CA SER B 109 -20.21 -6.07 -0.26
C SER B 109 -21.08 -6.82 -1.26
N GLY B 110 -22.29 -6.30 -1.50
CA GLY B 110 -23.21 -6.92 -2.44
C GLY B 110 -22.69 -6.83 -3.87
N HIS B 111 -21.85 -5.83 -4.12
CA HIS B 111 -21.27 -5.64 -5.43
C HIS B 111 -20.13 -6.62 -5.61
N ALA B 112 -19.28 -6.73 -4.59
CA ALA B 112 -18.13 -7.62 -4.63
C ALA B 112 -18.54 -9.09 -4.66
N ARG B 113 -19.83 -9.37 -4.48
CA ARG B 113 -20.33 -10.74 -4.52
C ARG B 113 -20.43 -11.21 -5.95
N VAL B 114 -20.94 -10.34 -6.81
CA VAL B 114 -21.09 -10.68 -8.22
C VAL B 114 -19.82 -10.29 -8.98
N HIS B 115 -19.12 -9.28 -8.49
CA HIS B 115 -17.89 -8.81 -9.12
C HIS B 115 -16.81 -8.65 -8.06
N PRO B 116 -16.21 -9.77 -7.63
CA PRO B 116 -15.17 -9.79 -6.61
C PRO B 116 -13.86 -9.06 -6.96
N ASP B 117 -13.64 -8.80 -8.24
CA ASP B 117 -12.43 -8.13 -8.70
C ASP B 117 -12.54 -6.59 -8.79
N LEU B 118 -13.69 -6.05 -8.39
CA LEU B 118 -13.92 -4.61 -8.44
C LEU B 118 -12.86 -3.75 -7.78
N GLY B 119 -12.74 -2.51 -8.26
CA GLY B 119 -11.79 -1.56 -7.71
C GLY B 119 -12.62 -0.43 -7.14
N VAL B 120 -12.13 0.21 -6.09
CA VAL B 120 -12.91 1.28 -5.45
C VAL B 120 -12.31 2.69 -5.52
N ILE B 121 -13.17 3.66 -5.80
CA ILE B 121 -12.79 5.06 -5.82
C ILE B 121 -13.70 5.69 -4.79
N TRP B 122 -13.10 6.24 -3.74
CA TRP B 122 -13.86 6.83 -2.64
C TRP B 122 -13.66 8.35 -2.61
N VAL B 123 -14.66 9.10 -3.09
CA VAL B 123 -14.58 10.56 -3.08
C VAL B 123 -15.16 11.00 -1.75
N ASP B 124 -14.37 11.74 -0.97
CA ASP B 124 -14.84 12.12 0.36
C ASP B 124 -13.85 13.05 1.06
N ALA B 125 -14.34 13.85 1.98
CA ALA B 125 -13.48 14.74 2.75
C ALA B 125 -12.90 13.88 3.88
N HIS B 126 -13.54 12.73 4.11
CA HIS B 126 -13.14 11.78 5.16
C HIS B 126 -12.73 10.41 4.61
N THR B 127 -11.93 9.69 5.39
CA THR B 127 -11.48 8.35 4.99
C THR B 127 -12.49 7.28 5.38
N ASP B 128 -13.23 7.51 6.46
CA ASP B 128 -14.24 6.55 6.91
C ASP B 128 -13.61 5.18 7.10
N ILE B 129 -12.44 5.16 7.71
CA ILE B 129 -11.74 3.90 7.91
C ILE B 129 -11.48 3.60 9.39
N ASN B 130 -12.25 4.25 10.26
CA ASN B 130 -12.11 4.00 11.69
C ASN B 130 -12.68 2.61 11.96
N THR B 131 -12.17 1.94 12.99
CA THR B 131 -12.67 0.62 13.37
C THR B 131 -13.53 0.85 14.61
N PRO B 132 -14.24 -0.19 15.06
CA PRO B 132 -15.08 -0.01 16.25
C PRO B 132 -14.22 0.31 17.48
N LEU B 133 -12.93 -0.01 17.37
CA LEU B 133 -11.96 0.18 18.43
C LEU B 133 -11.18 1.49 18.41
N THR B 134 -11.10 2.14 17.26
CA THR B 134 -10.37 3.41 17.16
C THR B 134 -11.26 4.62 16.98
N THR B 135 -12.55 4.37 16.75
CA THR B 135 -13.49 5.48 16.59
C THR B 135 -13.64 6.20 17.92
N THR B 136 -13.92 7.50 17.85
CA THR B 136 -14.12 8.29 19.06
C THR B 136 -15.56 8.76 19.12
N SER B 137 -16.18 8.90 17.96
CA SER B 137 -17.56 9.34 17.86
C SER B 137 -18.55 8.18 17.98
N GLY B 138 -18.11 7.00 17.58
CA GLY B 138 -18.97 5.82 17.65
C GLY B 138 -19.98 5.75 16.51
N ASN B 139 -19.90 6.71 15.60
CA ASN B 139 -20.81 6.76 14.45
C ASN B 139 -20.27 5.86 13.35
N LEU B 140 -21.09 4.89 12.93
CA LEU B 140 -20.69 3.94 11.91
C LEU B 140 -20.46 4.47 10.51
N HIS B 141 -20.97 5.67 10.18
CA HIS B 141 -20.77 6.22 8.85
C HIS B 141 -19.32 6.69 8.68
N GLY B 142 -18.51 6.46 9.70
CA GLY B 142 -17.10 6.84 9.66
C GLY B 142 -16.20 5.63 9.86
N GLN B 143 -16.76 4.44 9.61
CA GLN B 143 -16.06 3.18 9.77
C GLN B 143 -16.33 2.17 8.64
N PRO B 144 -17.14 2.54 7.63
CA PRO B 144 -17.41 1.56 6.57
C PRO B 144 -16.21 0.84 5.92
N VAL B 145 -15.15 1.57 5.62
CA VAL B 145 -13.99 0.98 4.96
C VAL B 145 -13.24 -0.06 5.80
N SER B 146 -13.19 0.12 7.12
CA SER B 146 -12.49 -0.83 7.98
C SER B 146 -13.16 -2.21 7.93
N PHE B 147 -14.50 -2.22 7.94
CA PHE B 147 -15.26 -3.46 7.87
C PHE B 147 -15.05 -4.19 6.54
N LEU B 148 -14.64 -3.44 5.52
CA LEU B 148 -14.43 -4.01 4.19
C LEU B 148 -12.99 -4.42 3.86
N LEU B 149 -11.99 -3.78 4.47
CA LEU B 149 -10.61 -4.12 4.17
C LEU B 149 -10.14 -5.47 4.69
N LYS B 150 -9.58 -6.28 3.80
CA LYS B 150 -9.08 -7.59 4.17
C LYS B 150 -7.93 -7.48 5.16
N GLU B 151 -7.09 -6.46 4.97
CA GLU B 151 -5.94 -6.22 5.84
C GLU B 151 -6.34 -5.83 7.27
N LEU B 152 -7.55 -5.31 7.43
CA LEU B 152 -8.04 -4.91 8.75
C LEU B 152 -8.77 -6.05 9.43
N LYS B 153 -8.96 -7.14 8.68
CA LYS B 153 -9.60 -8.33 9.21
C LYS B 153 -8.70 -8.74 10.36
N GLY B 154 -9.23 -8.65 11.58
CA GLY B 154 -8.45 -8.97 12.76
C GLY B 154 -8.44 -7.76 13.67
N LYS B 155 -8.57 -6.58 13.06
CA LYS B 155 -8.59 -5.33 13.80
C LYS B 155 -10.04 -5.04 14.14
N ILE B 156 -10.95 -5.71 13.44
CA ILE B 156 -12.38 -5.53 13.63
C ILE B 156 -12.94 -6.52 14.65
N PRO B 157 -13.37 -6.02 15.82
CA PRO B 157 -13.91 -6.91 16.86
C PRO B 157 -15.32 -7.34 16.45
N ASP B 158 -15.79 -8.47 16.95
CA ASP B 158 -17.12 -8.93 16.61
C ASP B 158 -18.12 -7.89 17.12
N VAL B 159 -18.88 -7.30 16.19
CA VAL B 159 -19.86 -6.29 16.54
C VAL B 159 -21.26 -6.74 16.17
N PRO B 160 -22.18 -6.74 17.15
CA PRO B 160 -23.56 -7.17 16.87
C PRO B 160 -24.09 -6.53 15.60
N GLY B 161 -24.52 -7.36 14.65
CA GLY B 161 -25.07 -6.85 13.41
C GLY B 161 -24.21 -7.03 12.17
N PHE B 162 -22.96 -7.45 12.33
CA PHE B 162 -22.07 -7.63 11.18
C PHE B 162 -21.42 -8.99 11.03
N SER B 163 -22.06 -10.03 11.53
CA SER B 163 -21.49 -11.36 11.41
C SER B 163 -21.51 -11.83 9.95
N TRP B 164 -22.34 -11.18 9.13
CA TRP B 164 -22.45 -11.54 7.71
C TRP B 164 -21.32 -11.00 6.85
N VAL B 165 -20.66 -9.94 7.34
CA VAL B 165 -19.59 -9.27 6.62
C VAL B 165 -18.27 -10.04 6.49
N THR B 166 -17.78 -10.08 5.25
CA THR B 166 -16.51 -10.74 4.93
C THR B 166 -15.71 -9.74 4.11
N PRO B 167 -14.59 -9.23 4.66
CA PRO B 167 -13.76 -8.26 3.95
C PRO B 167 -13.67 -8.61 2.47
N CYS B 168 -14.15 -7.71 1.63
CA CYS B 168 -14.19 -7.93 0.19
C CYS B 168 -13.18 -7.18 -0.66
N ILE B 169 -12.53 -6.17 -0.11
CA ILE B 169 -11.55 -5.41 -0.87
C ILE B 169 -10.23 -5.26 -0.14
N SER B 170 -9.14 -5.35 -0.90
CA SER B 170 -7.80 -5.23 -0.33
C SER B 170 -7.35 -3.77 -0.38
N ALA B 171 -6.37 -3.44 0.45
CA ALA B 171 -5.83 -2.08 0.51
C ALA B 171 -5.31 -1.59 -0.83
N LYS B 172 -4.88 -2.51 -1.68
CA LYS B 172 -4.32 -2.16 -2.98
C LYS B 172 -5.35 -1.78 -4.04
N ASP B 173 -6.62 -2.08 -3.81
CA ASP B 173 -7.65 -1.79 -4.81
C ASP B 173 -8.63 -0.66 -4.50
N ILE B 174 -8.19 0.33 -3.72
CA ILE B 174 -9.03 1.45 -3.39
C ILE B 174 -8.26 2.76 -3.50
N VAL B 175 -8.94 3.80 -4.00
CA VAL B 175 -8.33 5.11 -4.13
C VAL B 175 -9.23 6.18 -3.53
N TYR B 176 -8.64 7.02 -2.68
CA TYR B 176 -9.36 8.12 -2.05
C TYR B 176 -9.12 9.41 -2.83
N ILE B 177 -10.13 10.29 -2.84
CA ILE B 177 -10.04 11.58 -3.52
C ILE B 177 -10.86 12.59 -2.74
N GLY B 178 -10.23 13.66 -2.28
CA GLY B 178 -10.94 14.70 -1.55
C GLY B 178 -10.64 14.86 -0.07
N LEU B 179 -9.89 13.93 0.50
CA LEU B 179 -9.53 13.93 1.92
C LEU B 179 -9.03 15.26 2.50
N ARG B 180 -9.63 15.69 3.59
CA ARG B 180 -9.19 16.93 4.24
C ARG B 180 -9.56 16.99 5.73
N ASP B 181 -10.05 15.88 6.27
CA ASP B 181 -10.40 15.77 7.69
C ASP B 181 -10.31 14.29 8.08
N VAL B 182 -9.07 13.83 8.27
CA VAL B 182 -8.80 12.44 8.63
C VAL B 182 -8.33 12.31 10.09
N ASP B 183 -8.93 11.37 10.83
CA ASP B 183 -8.57 11.15 12.23
C ASP B 183 -7.14 10.61 12.37
N PRO B 184 -6.44 10.95 13.47
CA PRO B 184 -5.06 10.48 13.68
C PRO B 184 -4.89 8.98 13.44
N GLY B 185 -5.83 8.18 13.94
CA GLY B 185 -5.78 6.75 13.75
C GLY B 185 -6.05 6.36 12.31
N GLU B 186 -6.92 7.11 11.65
CA GLU B 186 -7.24 6.84 10.26
C GLU B 186 -6.03 7.11 9.38
N HIS B 187 -5.22 8.09 9.75
CA HIS B 187 -4.01 8.44 8.99
C HIS B 187 -2.97 7.32 9.14
N TYR B 188 -2.84 6.80 10.35
CA TYR B 188 -1.92 5.72 10.65
C TYR B 188 -2.25 4.51 9.76
N ILE B 189 -3.54 4.25 9.58
CA ILE B 189 -3.97 3.13 8.75
C ILE B 189 -3.65 3.39 7.27
N LEU B 190 -3.94 4.60 6.79
CA LEU B 190 -3.66 4.96 5.41
C LEU B 190 -2.21 4.62 5.07
N LYS B 191 -1.30 5.32 5.75
CA LYS B 191 0.12 5.16 5.57
C LYS B 191 0.61 3.74 5.81
N THR B 192 0.21 3.16 6.94
CA THR B 192 0.64 1.81 7.25
C THR B 192 0.28 0.77 6.20
N LEU B 193 -1.00 0.73 5.80
CA LEU B 193 -1.44 -0.22 4.80
C LEU B 193 -1.07 0.22 3.40
N GLY B 194 -0.69 1.49 3.27
CA GLY B 194 -0.29 2.02 1.97
C GLY B 194 -1.43 2.24 1.00
N ILE B 195 -2.59 2.65 1.53
CA ILE B 195 -3.76 2.89 0.69
C ILE B 195 -3.56 4.17 -0.12
N LYS B 196 -3.82 4.07 -1.42
CA LYS B 196 -3.66 5.18 -2.34
C LYS B 196 -4.67 6.30 -2.04
N TYR B 197 -4.19 7.54 -2.00
CA TYR B 197 -5.08 8.67 -1.72
C TYR B 197 -4.61 9.98 -2.33
N PHE B 198 -5.57 10.80 -2.73
CA PHE B 198 -5.29 12.11 -3.27
C PHE B 198 -6.06 13.07 -2.39
N SER B 199 -5.44 13.51 -1.31
CA SER B 199 -6.10 14.44 -0.39
C SER B 199 -6.16 15.77 -1.12
N MET B 200 -6.83 16.77 -0.55
CA MET B 200 -6.91 18.06 -1.22
C MET B 200 -5.53 18.61 -1.54
N THR B 201 -4.53 18.24 -0.74
CA THR B 201 -3.15 18.67 -0.95
C THR B 201 -2.66 18.19 -2.32
N GLU B 202 -2.86 16.90 -2.61
CA GLU B 202 -2.47 16.30 -3.88
C GLU B 202 -3.27 16.90 -5.04
N VAL B 203 -4.56 17.12 -4.82
CA VAL B 203 -5.42 17.69 -5.85
C VAL B 203 -4.91 19.09 -6.19
N ASP B 204 -4.48 19.83 -5.17
CA ASP B 204 -3.94 21.17 -5.37
C ASP B 204 -2.62 21.11 -6.13
N ARG B 205 -1.80 20.12 -5.79
CA ARG B 205 -0.50 19.93 -6.40
C ARG B 205 -0.58 19.47 -7.86
N LEU B 206 -1.28 18.36 -8.08
CA LEU B 206 -1.42 17.76 -9.39
C LEU B 206 -2.47 18.35 -10.33
N GLY B 207 -3.58 18.80 -9.78
CA GLY B 207 -4.67 19.30 -10.60
C GLY B 207 -5.56 18.09 -10.74
N ILE B 208 -6.87 18.30 -10.81
CA ILE B 208 -7.78 17.16 -10.89
C ILE B 208 -7.54 16.31 -12.14
N GLY B 209 -6.98 16.93 -13.18
CA GLY B 209 -6.69 16.23 -14.41
C GLY B 209 -5.69 15.10 -14.24
N LYS B 210 -4.55 15.40 -13.62
CA LYS B 210 -3.52 14.40 -13.38
C LYS B 210 -3.99 13.43 -12.29
N VAL B 211 -4.81 13.94 -11.38
CA VAL B 211 -5.35 13.12 -10.29
C VAL B 211 -6.16 11.94 -10.82
N MET B 212 -6.97 12.17 -11.85
CA MET B 212 -7.80 11.11 -12.42
C MET B 212 -7.04 10.13 -13.31
N GLU B 213 -5.99 10.62 -13.95
CA GLU B 213 -5.17 9.78 -14.82
C GLU B 213 -4.34 8.82 -13.97
N GLU B 214 -3.83 9.32 -12.85
CA GLU B 214 -3.03 8.51 -11.93
C GLU B 214 -3.93 7.56 -11.14
N THR B 215 -5.13 8.01 -10.81
CA THR B 215 -6.09 7.18 -10.09
C THR B 215 -6.52 6.00 -10.97
N LEU B 216 -6.95 6.29 -12.20
CA LEU B 216 -7.40 5.24 -13.12
C LEU B 216 -6.26 4.35 -13.56
N SER B 217 -5.06 4.93 -13.67
CA SER B 217 -3.91 4.13 -14.05
C SER B 217 -3.59 3.18 -12.90
N TYR B 218 -3.64 3.69 -11.68
CA TYR B 218 -3.35 2.89 -10.50
C TYR B 218 -4.35 1.74 -10.35
N LEU B 219 -5.62 2.01 -10.59
CA LEU B 219 -6.67 0.99 -10.47
C LEU B 219 -6.87 0.06 -11.67
N LEU B 220 -6.72 0.59 -12.88
CA LEU B 220 -6.93 -0.22 -14.09
C LEU B 220 -5.66 -0.53 -14.88
N GLY B 221 -4.50 -0.29 -14.27
CA GLY B 221 -3.24 -0.56 -14.94
C GLY B 221 -3.11 -2.02 -15.32
N ARG B 222 -2.83 -2.87 -14.34
CA ARG B 222 -2.67 -4.31 -14.57
C ARG B 222 -3.79 -4.91 -15.41
N LYS B 223 -5.04 -4.57 -15.11
CA LYS B 223 -6.17 -5.08 -15.88
C LYS B 223 -7.46 -4.31 -15.66
N LYS B 224 -8.34 -4.40 -16.64
CA LYS B 224 -9.63 -3.74 -16.58
C LYS B 224 -10.60 -4.56 -15.75
N ARG B 225 -11.03 -4.00 -14.62
CA ARG B 225 -11.98 -4.67 -13.76
C ARG B 225 -13.03 -3.66 -13.28
N PRO B 226 -14.22 -4.16 -12.90
CA PRO B 226 -15.32 -3.31 -12.42
C PRO B 226 -14.91 -2.21 -11.46
N ILE B 227 -15.54 -1.05 -11.60
CA ILE B 227 -15.26 0.11 -10.75
C ILE B 227 -16.47 0.48 -9.91
N HIS B 228 -16.24 0.66 -8.61
CA HIS B 228 -17.30 1.05 -7.71
C HIS B 228 -16.96 2.44 -7.19
N LEU B 229 -17.78 3.42 -7.55
CA LEU B 229 -17.58 4.80 -7.09
C LEU B 229 -18.49 5.12 -5.91
N SER B 230 -17.89 5.29 -4.73
CA SER B 230 -18.65 5.66 -3.54
C SER B 230 -18.45 7.17 -3.38
N PHE B 231 -19.52 7.92 -3.61
CA PHE B 231 -19.44 9.38 -3.53
C PHE B 231 -20.16 10.03 -2.34
N ASP B 232 -19.38 10.65 -1.45
CA ASP B 232 -19.92 11.36 -0.31
C ASP B 232 -19.96 12.82 -0.76
N VAL B 233 -21.15 13.40 -0.81
CA VAL B 233 -21.30 14.79 -1.24
C VAL B 233 -20.47 15.77 -0.42
N ASP B 234 -20.11 15.39 0.81
CA ASP B 234 -19.30 16.29 1.62
C ASP B 234 -17.85 16.27 1.14
N GLY B 235 -17.63 15.60 0.00
CA GLY B 235 -16.30 15.56 -0.59
C GLY B 235 -16.11 16.86 -1.34
N LEU B 236 -17.22 17.43 -1.81
CA LEU B 236 -17.21 18.70 -2.53
C LEU B 236 -17.36 19.83 -1.50
N ASP B 237 -16.80 20.99 -1.82
CA ASP B 237 -16.84 22.14 -0.91
C ASP B 237 -18.28 22.50 -0.52
N PRO B 238 -18.50 22.83 0.76
CA PRO B 238 -19.85 23.18 1.24
C PRO B 238 -20.54 24.35 0.51
N SER B 239 -19.83 25.03 -0.38
CA SER B 239 -20.43 26.13 -1.13
C SER B 239 -21.29 25.57 -2.25
N PHE B 240 -21.12 24.26 -2.51
CA PHE B 240 -21.87 23.58 -3.55
C PHE B 240 -22.84 22.58 -2.92
N THR B 241 -22.39 21.91 -1.86
CA THR B 241 -23.20 20.92 -1.17
C THR B 241 -23.32 21.22 0.34
N PRO B 242 -23.94 22.35 0.70
CA PRO B 242 -24.10 22.73 2.11
C PRO B 242 -25.03 21.84 2.93
N ALA B 243 -25.96 21.18 2.28
CA ALA B 243 -26.92 20.31 2.97
C ALA B 243 -26.38 18.91 3.22
N THR B 244 -25.40 18.82 4.12
CA THR B 244 -24.79 17.54 4.46
C THR B 244 -24.39 17.56 5.94
N GLY B 245 -24.38 16.38 6.57
CA GLY B 245 -24.07 16.26 7.98
C GLY B 245 -22.75 16.81 8.51
N THR B 246 -21.66 16.56 7.80
CA THR B 246 -20.35 17.02 8.23
C THR B 246 -19.58 17.72 7.10
N PRO B 247 -19.86 19.02 6.89
CA PRO B 247 -19.17 19.77 5.84
C PRO B 247 -17.79 20.25 6.24
N VAL B 248 -16.84 20.19 5.31
CA VAL B 248 -15.47 20.61 5.56
C VAL B 248 -15.05 21.62 4.49
N VAL B 249 -14.51 22.76 4.91
CA VAL B 249 -14.08 23.80 3.97
C VAL B 249 -12.90 23.38 3.11
N GLY B 250 -12.76 24.05 1.97
CA GLY B 250 -11.67 23.77 1.05
C GLY B 250 -11.79 22.49 0.24
N GLY B 251 -13.02 22.06 -0.03
CA GLY B 251 -13.23 20.83 -0.79
C GLY B 251 -13.15 20.94 -2.29
N LEU B 252 -13.57 19.87 -2.96
CA LEU B 252 -13.56 19.80 -4.42
C LEU B 252 -14.61 20.74 -5.01
N THR B 253 -14.24 21.43 -6.09
CA THR B 253 -15.15 22.36 -6.72
C THR B 253 -16.20 21.60 -7.52
N TYR B 254 -17.23 22.33 -7.96
CA TYR B 254 -18.31 21.74 -8.74
C TYR B 254 -17.70 21.11 -9.99
N ARG B 255 -16.85 21.87 -10.69
CA ARG B 255 -16.17 21.40 -11.90
C ARG B 255 -15.34 20.14 -11.67
N GLU B 256 -14.60 20.10 -10.56
CA GLU B 256 -13.75 18.94 -10.24
C GLU B 256 -14.61 17.72 -9.95
N GLY B 257 -15.82 17.96 -9.45
CA GLY B 257 -16.73 16.87 -9.18
C GLY B 257 -17.23 16.27 -10.47
N LEU B 258 -17.54 17.13 -11.44
CA LEU B 258 -18.02 16.67 -12.74
C LEU B 258 -16.89 16.01 -13.53
N TYR B 259 -15.68 16.52 -13.38
CA TYR B 259 -14.54 15.95 -14.11
C TYR B 259 -14.25 14.51 -13.68
N ILE B 260 -14.25 14.30 -12.36
CA ILE B 260 -14.01 12.99 -11.78
C ILE B 260 -14.97 11.99 -12.39
N THR B 261 -16.25 12.32 -12.31
CA THR B 261 -17.33 11.48 -12.82
C THR B 261 -17.34 11.31 -14.34
N GLU B 262 -16.97 12.35 -15.08
CA GLU B 262 -16.92 12.28 -16.54
C GLU B 262 -15.80 11.32 -16.97
N GLU B 263 -14.71 11.32 -16.21
CA GLU B 263 -13.57 10.44 -16.52
C GLU B 263 -13.87 8.99 -16.17
N ILE B 264 -14.55 8.78 -15.04
CA ILE B 264 -14.90 7.42 -14.64
C ILE B 264 -15.88 6.82 -15.64
N TYR B 265 -16.79 7.65 -16.16
CA TYR B 265 -17.77 7.19 -17.13
C TYR B 265 -17.10 6.68 -18.39
N LYS B 266 -16.14 7.44 -18.90
CA LYS B 266 -15.44 7.09 -20.14
C LYS B 266 -14.57 5.84 -20.08
N THR B 267 -14.40 5.27 -18.89
CA THR B 267 -13.62 4.04 -18.78
C THR B 267 -14.57 2.94 -19.24
N GLY B 268 -15.86 3.22 -19.10
CA GLY B 268 -16.88 2.27 -19.46
C GLY B 268 -16.96 1.14 -18.43
N LEU B 269 -16.24 1.31 -17.32
CA LEU B 269 -16.20 0.28 -16.28
C LEU B 269 -17.00 0.54 -15.02
N LEU B 270 -17.75 1.63 -14.98
CA LEU B 270 -18.56 1.93 -13.80
C LEU B 270 -19.46 0.72 -13.60
N SER B 271 -19.44 0.16 -12.40
CA SER B 271 -20.25 -1.02 -12.09
C SER B 271 -21.16 -0.74 -10.90
N GLY B 272 -20.69 0.11 -9.99
CA GLY B 272 -21.48 0.46 -8.83
C GLY B 272 -21.30 1.92 -8.48
N LEU B 273 -22.33 2.55 -7.94
CA LEU B 273 -22.25 3.96 -7.57
C LEU B 273 -23.06 4.29 -6.32
N ASP B 274 -22.47 5.05 -5.41
CA ASP B 274 -23.16 5.47 -4.19
C ASP B 274 -23.20 6.98 -4.14
N ILE B 275 -24.39 7.52 -3.88
CA ILE B 275 -24.57 8.97 -3.76
C ILE B 275 -25.01 9.14 -2.31
N MET B 276 -24.05 9.36 -1.42
CA MET B 276 -24.33 9.49 0.01
C MET B 276 -24.27 10.86 0.67
N GLU B 277 -24.76 10.87 1.92
CA GLU B 277 -24.76 12.03 2.80
C GLU B 277 -25.57 13.28 2.44
N VAL B 278 -26.51 13.19 1.51
CA VAL B 278 -27.31 14.37 1.22
C VAL B 278 -28.36 14.45 2.34
N ASN B 279 -28.36 15.56 3.06
CA ASN B 279 -29.31 15.73 4.16
C ASN B 279 -30.07 17.05 4.00
N PRO B 280 -31.20 17.01 3.28
CA PRO B 280 -32.04 18.18 3.03
C PRO B 280 -32.29 19.09 4.23
N SER B 281 -32.75 18.51 5.34
CA SER B 281 -33.06 19.26 6.55
C SER B 281 -31.89 20.00 7.19
N LEU B 282 -30.69 19.84 6.62
CA LEU B 282 -29.50 20.50 7.17
C LEU B 282 -29.08 21.75 6.39
N GLY B 283 -29.87 22.11 5.38
CA GLY B 283 -29.58 23.30 4.62
C GLY B 283 -30.17 24.44 5.42
N LYS B 284 -29.47 25.57 5.50
CA LYS B 284 -29.98 26.70 6.26
C LYS B 284 -31.13 27.40 5.55
N THR B 285 -31.18 27.28 4.23
CA THR B 285 -32.22 27.90 3.43
C THR B 285 -32.70 26.88 2.39
N PRO B 286 -33.89 27.10 1.81
CA PRO B 286 -34.42 26.18 0.78
C PRO B 286 -33.52 26.15 -0.47
N GLU B 287 -32.73 27.21 -0.63
CA GLU B 287 -31.81 27.34 -1.76
C GLU B 287 -30.62 26.40 -1.57
N GLU B 288 -30.13 26.30 -0.34
CA GLU B 288 -29.00 25.43 -0.04
C GLU B 288 -29.39 23.98 -0.23
N VAL B 289 -30.69 23.71 -0.13
CA VAL B 289 -31.20 22.36 -0.30
C VAL B 289 -31.15 21.95 -1.77
N THR B 290 -31.69 22.80 -2.64
CA THR B 290 -31.69 22.51 -4.07
C THR B 290 -30.29 22.60 -4.66
N ARG B 291 -29.45 23.46 -4.09
CA ARG B 291 -28.08 23.62 -4.56
C ARG B 291 -27.37 22.29 -4.35
N THR B 292 -27.65 21.68 -3.20
CA THR B 292 -27.05 20.41 -2.84
C THR B 292 -27.64 19.28 -3.68
N VAL B 293 -28.98 19.24 -3.76
CA VAL B 293 -29.64 18.20 -4.53
C VAL B 293 -29.26 18.29 -6.01
N ASN B 294 -29.38 19.47 -6.60
CA ASN B 294 -29.03 19.65 -8.01
C ASN B 294 -27.60 19.25 -8.32
N THR B 295 -26.67 19.59 -7.43
CA THR B 295 -25.27 19.23 -7.65
C THR B 295 -25.13 17.71 -7.60
N ALA B 296 -25.85 17.07 -6.69
CA ALA B 296 -25.82 15.61 -6.57
C ALA B 296 -26.37 15.00 -7.87
N VAL B 297 -27.46 15.57 -8.39
CA VAL B 297 -28.06 15.07 -9.61
C VAL B 297 -27.10 15.26 -10.79
N ALA B 298 -26.40 16.38 -10.80
CA ALA B 298 -25.44 16.69 -11.87
C ALA B 298 -24.29 15.69 -11.83
N ILE B 299 -23.79 15.40 -10.63
CA ILE B 299 -22.70 14.45 -10.48
C ILE B 299 -23.10 13.06 -10.96
N THR B 300 -24.30 12.63 -10.59
CA THR B 300 -24.79 11.32 -10.98
C THR B 300 -25.02 11.20 -12.49
N LEU B 301 -25.54 12.26 -13.11
CA LEU B 301 -25.79 12.25 -14.55
C LEU B 301 -24.49 12.11 -15.36
N ALA B 302 -23.40 12.72 -14.88
CA ALA B 302 -22.11 12.63 -15.56
C ALA B 302 -21.57 11.21 -15.44
N CYS B 303 -21.98 10.52 -14.39
CA CYS B 303 -21.55 9.14 -14.18
C CYS B 303 -22.17 8.27 -15.26
N PHE B 304 -23.21 8.79 -15.90
CA PHE B 304 -23.89 8.03 -16.95
C PHE B 304 -23.90 8.67 -18.33
N GLY B 305 -22.79 9.31 -18.68
CA GLY B 305 -22.67 9.90 -20.01
C GLY B 305 -22.82 11.38 -20.23
N LEU B 306 -23.53 12.09 -19.36
CA LEU B 306 -23.71 13.52 -19.54
C LEU B 306 -22.34 14.19 -19.58
N ALA B 307 -21.96 14.69 -20.75
CA ALA B 307 -20.69 15.36 -20.96
C ALA B 307 -20.88 16.85 -21.18
N ARG B 308 -20.01 17.65 -20.58
CA ARG B 308 -20.10 19.09 -20.71
C ARG B 308 -19.84 19.62 -22.11
N GLU B 309 -19.07 18.86 -22.90
CA GLU B 309 -18.79 19.26 -24.27
C GLU B 309 -20.02 19.01 -25.14
N GLY B 310 -21.00 18.32 -24.57
CA GLY B 310 -22.21 18.01 -25.29
C GLY B 310 -22.39 16.51 -25.50
N ASN B 311 -23.57 16.12 -25.97
CA ASN B 311 -23.90 14.72 -26.23
C ASN B 311 -24.81 14.63 -27.47
N HIS B 312 -24.68 13.55 -28.23
CA HIS B 312 -25.54 13.37 -29.39
C HIS B 312 -25.67 11.90 -29.78
N LYS B 313 -26.85 11.55 -30.26
CA LYS B 313 -27.16 10.19 -30.68
C LYS B 313 -26.72 9.94 -32.12
N PRO B 314 -26.57 8.66 -32.51
CA PRO B 314 -26.15 8.27 -33.86
C PRO B 314 -27.12 8.65 -34.98
N ILE B 315 -27.85 9.73 -34.79
CA ILE B 315 -28.81 10.21 -35.78
C ILE B 315 -28.22 11.38 -36.55
N ASP B 316 -28.72 11.57 -37.77
CA ASP B 316 -28.26 12.66 -38.63
C ASP B 316 -28.82 14.00 -38.14
N TYR B 317 -27.92 14.91 -37.78
CA TYR B 317 -28.32 16.22 -37.28
C TYR B 317 -28.30 17.30 -38.36
N LEU B 318 -27.77 16.96 -39.53
CA LEU B 318 -27.70 17.88 -40.67
C LEU B 318 -28.16 17.19 -41.96
MN MN C . 12.00 -10.16 -0.16
MN MN D . 14.18 -7.69 -1.19
CA Z70 E . 7.56 -8.71 -6.66
C Z70 E . 7.62 -7.30 -7.29
C3 Z70 E . 9.69 -7.70 -3.52
C4 Z70 E . 10.84 -7.59 -1.68
C5 Z70 E . 8.78 -8.13 -2.43
C6 Z70 E . 8.41 -8.89 -5.37
C7 Z70 E . 9.19 -7.65 -4.95
N Z70 E . 8.07 -9.65 -7.60
N2 Z70 E . 10.93 -7.38 -3.01
N3 Z70 E . 9.56 -8.04 -1.29
N4 Z70 E . 11.88 -7.37 -0.79
OXT Z70 E . 7.19 -6.27 -6.64
O Z70 E . 8.09 -7.14 -8.47
MN MN F . -17.64 12.51 4.41
MN MN G . -18.25 9.19 4.05
CA Z70 H . -14.80 10.98 11.55
C Z70 H . -15.48 9.99 12.51
C3 Z70 H . -17.60 10.89 8.80
C4 Z70 H . -18.70 11.12 6.93
C5 Z70 H . -18.04 12.30 8.74
C6 Z70 H . -15.51 11.20 10.20
C7 Z70 H . -16.79 10.39 10.00
N Z70 H . -13.47 10.52 11.26
N2 Z70 H . -18.02 10.20 7.67
N3 Z70 H . -18.74 12.38 7.54
N4 Z70 H . -19.31 10.84 5.71
OXT Z70 H . -16.68 10.20 12.95
O Z70 H . -14.86 8.94 12.91
#